data_8AQK
#
_entry.id   8AQK
#
_cell.length_a   48.264
_cell.length_b   60.694
_cell.length_c   83.044
_cell.angle_alpha   90.000
_cell.angle_beta   90.000
_cell.angle_gamma   90.000
#
_symmetry.space_group_name_H-M   'P 21 21 21'
#
loop_
_entity.id
_entity.type
_entity.pdbx_description
1 polymer 'Serine protease subunit NS2B'
2 polymer 'Serine protease NS3'
3 polymer '(1R,2R,3S,4R,6S)-4,6-diamino-2,3-dihydroxycyclohexyl 2,6-diamino-2,6-dideoxy-alpha-D-glucopyranoside'
4 non-polymer 'SULFATE ION'
5 water water
#
loop_
_entity_poly.entity_id
_entity_poly.type
_entity_poly.pdbx_seq_one_letter_code
_entity_poly.pdbx_strand_id
1 'polypeptide(L)' MTGKSVDMYIERAGDITWEKDAEVTGNSPRLDVALDESGDFSLVEEDGPPMRE A
2 'polypeptide(L)'
;GSGALWDVPAPKEVKKGETTDGVYRVMTRRLLGSTQVGVGVMQEGVFHTMWHVTKGAALRSGEGRLDPYWGDVKQDLVSY
CGPWKLDAAWDGLSEVQLLAVPPGERAKNIQTLPGIFKTKDGDIGAVALDYPAGTSGSPILDKCGRVIGLYGNGVVIKNG
SYVSAITQGKREEETPVE
;
B
3 'polypeptide(L)' (V7T)G(V8N)K(4J5) C
#
loop_
_chem_comp.id
_chem_comp.type
_chem_comp.name
_chem_comp.formula
SO4 non-polymer 'SULFATE ION' 'O4 S -2'
V7T peptide-like '(2R)-6-azanyl-2-carbamimidamido-hexanoic acid' 'C7 H16 N4 O2'
V8N peptide-like '2-[3-(aminomethyl)phenyl]ethanoic acid' 'C9 H11 N O2'
#
# COMPACT_ATOMS: atom_id res chain seq x y z
N VAL A 6 18.93 0.46 -13.16
CA VAL A 6 18.57 0.71 -11.76
C VAL A 6 18.29 -0.60 -11.04
N ASP A 7 19.01 -0.85 -9.95
CA ASP A 7 18.79 -2.02 -9.11
C ASP A 7 17.62 -1.74 -8.19
N MET A 8 16.45 -2.29 -8.51
CA MET A 8 15.29 -2.23 -7.61
C MET A 8 15.17 -3.59 -6.94
N TYR A 9 15.19 -3.60 -5.61
CA TYR A 9 15.29 -4.84 -4.86
C TYR A 9 14.43 -4.75 -3.61
N ILE A 10 14.15 -5.92 -3.02
CA ILE A 10 13.30 -5.97 -1.84
C ILE A 10 14.10 -6.50 -0.64
N GLU A 11 13.70 -6.07 0.54
N GLU A 11 13.68 -6.07 0.55
CA GLU A 11 14.31 -6.57 1.77
CA GLU A 11 14.31 -6.44 1.81
C GLU A 11 13.24 -6.72 2.84
C GLU A 11 13.21 -6.72 2.83
N ARG A 12 13.31 -7.84 3.54
CA ARG A 12 12.26 -8.16 4.51
C ARG A 12 12.27 -7.13 5.64
N ALA A 13 11.08 -6.76 6.09
CA ALA A 13 10.94 -5.73 7.10
C ALA A 13 10.07 -6.14 8.27
N GLY A 14 9.49 -7.33 8.25
CA GLY A 14 8.79 -7.79 9.42
C GLY A 14 7.68 -8.76 9.10
N ASP A 15 7.05 -9.23 10.18
CA ASP A 15 5.88 -10.07 10.11
C ASP A 15 4.63 -9.21 10.02
N ILE A 16 3.57 -9.77 9.44
CA ILE A 16 2.30 -9.06 9.29
C ILE A 16 1.38 -9.55 10.38
N THR A 17 1.16 -8.70 11.39
CA THR A 17 0.45 -9.08 12.61
C THR A 17 -0.33 -7.85 13.10
N TRP A 18 -1.58 -8.08 13.49
CA TRP A 18 -2.38 -7.08 14.17
C TRP A 18 -1.85 -6.86 15.58
N GLU A 19 -1.75 -5.60 16.00
CA GLU A 19 -1.25 -5.25 17.32
C GLU A 19 -2.42 -5.02 18.27
N LYS A 20 -2.48 -5.80 19.33
CA LYS A 20 -3.51 -5.60 20.34
C LYS A 20 -3.26 -4.29 21.07
N ASP A 21 -4.34 -3.63 21.50
CA ASP A 21 -4.25 -2.37 22.23
C ASP A 21 -3.40 -1.34 21.49
N ALA A 22 -3.75 -1.07 20.25
CA ALA A 22 -2.96 -0.18 19.43
C ALA A 22 -3.40 1.27 19.59
N GLU A 23 -2.50 2.20 19.23
CA GLU A 23 -2.85 3.60 19.17
C GLU A 23 -3.86 3.82 18.04
N VAL A 24 -4.93 4.56 18.35
CA VAL A 24 -6.00 4.88 17.41
C VAL A 24 -5.88 6.36 17.07
N THR A 25 -5.86 6.66 15.77
CA THR A 25 -5.73 8.05 15.35
C THR A 25 -6.40 8.23 14.00
N GLY A 26 -6.56 9.49 13.63
CA GLY A 26 -7.13 9.85 12.34
C GLY A 26 -8.64 9.97 12.37
N ASN A 27 -9.17 10.83 11.53
CA ASN A 27 -10.61 10.96 11.41
C ASN A 27 -11.12 9.98 10.35
N SER A 28 -12.38 10.14 9.96
CA SER A 28 -13.07 9.23 9.06
C SER A 28 -13.77 10.05 7.98
N PRO A 29 -13.00 10.65 7.07
CA PRO A 29 -13.59 11.63 6.14
C PRO A 29 -14.47 10.97 5.11
N ARG A 30 -15.50 11.70 4.73
CA ARG A 30 -16.47 11.27 3.72
C ARG A 30 -16.24 12.19 2.53
N LEU A 31 -15.59 11.67 1.49
CA LEU A 31 -15.14 12.46 0.35
C LEU A 31 -15.72 11.95 -0.96
N ASP A 32 -16.08 12.88 -1.83
CA ASP A 32 -16.50 12.56 -3.19
C ASP A 32 -15.27 12.58 -4.09
N VAL A 33 -14.98 11.46 -4.73
N VAL A 33 -15.04 11.48 -4.81
CA VAL A 33 -13.78 11.38 -5.57
CA VAL A 33 -13.78 11.23 -5.49
C VAL A 33 -14.13 10.75 -6.90
C VAL A 33 -14.04 10.60 -6.85
N ALA A 34 -13.23 10.96 -7.84
CA ALA A 34 -13.26 10.33 -9.15
C ALA A 34 -11.93 9.60 -9.37
N LEU A 35 -11.99 8.51 -10.13
CA LEU A 35 -10.84 7.67 -10.45
C LEU A 35 -10.71 7.64 -11.96
N ASP A 36 -9.56 8.08 -12.47
CA ASP A 36 -9.35 8.10 -13.91
C ASP A 36 -8.69 6.80 -14.38
N GLU A 37 -8.56 6.66 -15.69
CA GLU A 37 -8.10 5.39 -16.28
C GLU A 37 -6.64 5.12 -15.96
N SER A 38 -5.90 6.14 -15.54
N SER A 38 -5.90 6.13 -15.53
CA SER A 38 -4.50 5.96 -15.18
CA SER A 38 -4.50 5.96 -15.17
C SER A 38 -4.31 5.58 -13.72
C SER A 38 -4.30 5.73 -13.67
N GLY A 39 -5.37 5.56 -12.91
CA GLY A 39 -5.26 5.25 -11.51
C GLY A 39 -5.15 6.45 -10.60
N ASP A 40 -5.44 7.65 -11.09
N ASP A 40 -5.40 7.66 -11.09
CA ASP A 40 -5.40 8.87 -10.28
CA ASP A 40 -5.39 8.84 -10.24
C ASP A 40 -6.76 9.10 -9.63
C ASP A 40 -6.76 9.06 -9.61
N PHE A 41 -6.77 9.22 -8.30
CA PHE A 41 -7.96 9.68 -7.58
C PHE A 41 -7.89 11.20 -7.50
N SER A 42 -9.04 11.84 -7.68
N SER A 42 -9.03 11.85 -7.71
CA SER A 42 -9.16 13.27 -7.53
CA SER A 42 -9.12 13.30 -7.54
C SER A 42 -10.43 13.60 -6.76
C SER A 42 -10.43 13.67 -6.86
N LEU A 43 -10.36 14.68 -5.99
CA LEU A 43 -11.56 15.21 -5.36
C LEU A 43 -12.46 15.81 -6.42
N VAL A 44 -13.75 15.56 -6.30
CA VAL A 44 -14.74 16.15 -7.19
C VAL A 44 -14.99 17.57 -6.69
N GLU A 45 -14.62 18.56 -7.49
CA GLU A 45 -14.91 19.96 -7.20
C GLU A 45 -16.01 20.45 -8.14
N GLU B 18 13.64 -16.53 -0.41
CA GLU B 18 13.57 -15.34 -1.24
C GLU B 18 12.16 -14.78 -1.32
N THR B 19 11.17 -15.65 -1.10
CA THR B 19 9.77 -15.27 -1.12
C THR B 19 9.07 -15.68 0.16
N THR B 20 9.76 -15.56 1.29
N THR B 20 9.76 -15.57 1.30
CA THR B 20 9.13 -15.88 2.57
CA THR B 20 9.13 -15.89 2.57
C THR B 20 8.06 -14.85 2.90
C THR B 20 8.06 -14.85 2.92
N ASP B 21 6.96 -15.33 3.47
CA ASP B 21 5.84 -14.45 3.81
C ASP B 21 6.31 -13.30 4.70
N GLY B 22 5.74 -12.13 4.48
CA GLY B 22 6.03 -10.99 5.33
C GLY B 22 5.86 -9.70 4.56
N VAL B 23 6.19 -8.61 5.25
CA VAL B 23 6.21 -7.27 4.64
C VAL B 23 7.65 -6.93 4.30
N TYR B 24 7.86 -6.24 3.17
CA TYR B 24 9.16 -5.96 2.62
C TYR B 24 9.25 -4.49 2.22
N ARG B 25 10.45 -3.91 2.35
CA ARG B 25 10.77 -2.64 1.72
C ARG B 25 11.15 -2.85 0.26
N VAL B 26 10.77 -1.91 -0.59
CA VAL B 26 11.18 -1.86 -1.99
C VAL B 26 12.16 -0.72 -2.11
N MET B 27 13.38 -1.04 -2.52
CA MET B 27 14.51 -0.13 -2.51
C MET B 27 15.05 0.04 -3.92
N THR B 28 15.66 1.19 -4.19
CA THR B 28 16.43 1.40 -5.41
C THR B 28 17.83 1.89 -5.06
N ARG B 29 18.78 1.50 -5.89
N ARG B 29 18.79 1.49 -5.90
CA ARG B 29 20.12 2.06 -5.75
CA ARG B 29 20.18 1.92 -5.75
C ARG B 29 20.80 2.01 -7.12
C ARG B 29 20.80 2.00 -7.14
N ARG B 30 21.71 2.95 -7.31
CA ARG B 30 22.55 3.00 -8.50
C ARG B 30 23.98 2.76 -8.04
N LEU B 31 24.83 3.79 -8.12
CA LEU B 31 26.23 3.65 -7.72
C LEU B 31 26.48 4.03 -6.27
N LEU B 32 25.55 4.74 -5.63
CA LEU B 32 25.74 5.17 -4.24
C LEU B 32 24.73 4.50 -3.32
N GLY B 33 24.13 5.27 -2.41
CA GLY B 33 23.23 4.72 -1.42
C GLY B 33 21.86 4.37 -1.99
N SER B 34 21.03 3.80 -1.12
N SER B 34 21.02 3.83 -1.11
CA SER B 34 19.71 3.32 -1.48
CA SER B 34 19.71 3.32 -1.47
C SER B 34 18.62 4.29 -1.07
C SER B 34 18.61 4.27 -1.04
N THR B 35 17.48 4.18 -1.75
CA THR B 35 16.30 4.97 -1.44
C THR B 35 15.14 3.98 -1.33
N GLN B 36 14.31 4.15 -0.31
CA GLN B 36 13.11 3.34 -0.19
C GLN B 36 12.00 3.99 -1.00
N VAL B 37 11.55 3.31 -2.05
CA VAL B 37 10.48 3.82 -2.90
C VAL B 37 9.13 3.23 -2.53
N GLY B 38 9.09 2.15 -1.77
CA GLY B 38 7.81 1.60 -1.36
C GLY B 38 7.98 0.39 -0.48
N VAL B 39 6.90 -0.38 -0.42
CA VAL B 39 6.71 -1.50 0.50
C VAL B 39 5.83 -2.49 -0.24
N GLY B 40 5.88 -3.76 0.14
CA GLY B 40 4.90 -4.70 -0.37
C GLY B 40 4.77 -5.92 0.52
N VAL B 41 3.87 -6.80 0.11
CA VAL B 41 3.49 -7.97 0.88
C VAL B 41 3.83 -9.22 0.09
N MET B 42 4.58 -10.14 0.71
CA MET B 42 4.78 -11.47 0.18
C MET B 42 3.78 -12.40 0.85
N GLN B 43 2.94 -13.06 0.04
CA GLN B 43 1.97 -14.03 0.54
C GLN B 43 1.80 -15.10 -0.52
N GLU B 44 1.88 -16.37 -0.12
CA GLU B 44 1.66 -17.48 -1.03
C GLU B 44 2.57 -17.41 -2.24
N GLY B 45 3.81 -16.99 -2.02
CA GLY B 45 4.82 -16.97 -3.07
C GLY B 45 4.71 -15.83 -4.04
N VAL B 46 3.81 -14.87 -3.80
CA VAL B 46 3.56 -13.77 -4.70
C VAL B 46 3.85 -12.46 -3.96
N PHE B 47 4.53 -11.54 -4.65
CA PHE B 47 4.81 -10.23 -4.08
C PHE B 47 3.80 -9.23 -4.61
N HIS B 48 3.23 -8.44 -3.71
CA HIS B 48 2.13 -7.52 -3.99
C HIS B 48 2.56 -6.11 -3.62
N THR B 49 2.43 -5.16 -4.54
CA THR B 49 2.74 -3.78 -4.22
C THR B 49 1.87 -2.87 -5.08
N MET B 50 2.04 -1.56 -4.89
CA MET B 50 1.34 -0.59 -5.72
C MET B 50 2.14 -0.35 -7.00
N TRP B 51 1.42 -0.22 -8.11
CA TRP B 51 2.07 -0.04 -9.41
C TRP B 51 3.03 1.15 -9.39
N HIS B 52 2.63 2.26 -8.78
CA HIS B 52 3.46 3.46 -8.85
C HIS B 52 4.80 3.28 -8.15
N VAL B 53 4.93 2.27 -7.27
CA VAL B 53 6.21 2.02 -6.61
C VAL B 53 7.24 1.50 -7.60
N THR B 54 6.88 0.51 -8.41
CA THR B 54 7.84 -0.16 -9.28
C THR B 54 7.68 0.18 -10.75
N LYS B 55 6.58 0.82 -11.13
CA LYS B 55 6.21 1.06 -12.52
C LYS B 55 6.16 -0.25 -13.30
N GLY B 56 5.91 -1.33 -12.58
CA GLY B 56 5.73 -2.61 -13.22
C GLY B 56 6.99 -3.26 -13.70
N ALA B 57 8.16 -2.80 -13.22
CA ALA B 57 9.47 -3.35 -13.54
C ALA B 57 9.83 -4.54 -12.64
N ALA B 58 10.82 -5.32 -13.08
CA ALA B 58 11.23 -6.50 -12.33
C ALA B 58 11.90 -6.09 -11.01
N LEU B 59 11.90 -7.04 -10.06
CA LEU B 59 12.50 -6.84 -8.74
C LEU B 59 13.56 -7.88 -8.48
N ARG B 60 14.61 -7.47 -7.77
CA ARG B 60 15.59 -8.42 -7.24
C ARG B 60 15.21 -8.79 -5.81
N SER B 61 15.38 -10.06 -5.48
CA SER B 61 15.17 -10.54 -4.11
C SER B 61 16.39 -11.40 -3.79
N GLY B 62 17.33 -10.83 -3.07
CA GLY B 62 18.58 -11.53 -2.85
C GLY B 62 19.30 -11.73 -4.16
N GLU B 63 19.57 -12.99 -4.49
CA GLU B 63 20.16 -13.34 -5.78
C GLU B 63 19.13 -13.73 -6.82
N GLY B 64 17.85 -13.64 -6.50
CA GLY B 64 16.80 -14.03 -7.42
C GLY B 64 16.13 -12.84 -8.07
N ARG B 65 15.38 -13.13 -9.14
CA ARG B 65 14.62 -12.13 -9.87
C ARG B 65 13.14 -12.46 -9.80
N LEU B 66 12.33 -11.46 -9.48
CA LEU B 66 10.88 -11.59 -9.45
C LEU B 66 10.31 -10.84 -10.64
N ASP B 67 9.55 -11.55 -11.47
CA ASP B 67 9.01 -10.95 -12.69
C ASP B 67 7.56 -10.54 -12.50
N PRO B 68 7.17 -9.39 -13.06
CA PRO B 68 5.76 -8.99 -12.98
C PRO B 68 4.87 -10.04 -13.62
N TYR B 69 3.71 -10.26 -13.02
CA TYR B 69 2.78 -11.30 -13.46
C TYR B 69 1.42 -10.72 -13.79
N TRP B 70 0.80 -10.01 -12.87
CA TRP B 70 -0.49 -9.38 -13.07
C TRP B 70 -0.37 -7.92 -12.65
N GLY B 71 -1.17 -7.06 -13.25
CA GLY B 71 -1.24 -5.70 -12.76
C GLY B 71 -2.34 -4.93 -13.44
N ASP B 72 -2.59 -3.73 -12.89
CA ASP B 72 -3.69 -2.90 -13.39
C ASP B 72 -3.39 -1.47 -12.96
N VAL B 73 -3.04 -0.61 -13.92
CA VAL B 73 -2.69 0.76 -13.58
C VAL B 73 -3.86 1.52 -12.96
N LYS B 74 -5.10 1.21 -13.38
CA LYS B 74 -6.24 1.94 -12.82
C LYS B 74 -6.43 1.63 -11.34
N GLN B 75 -6.20 0.38 -10.94
CA GLN B 75 -6.20 0.02 -9.53
C GLN B 75 -4.91 0.42 -8.83
N ASP B 76 -3.89 0.75 -9.59
CA ASP B 76 -2.56 1.06 -9.07
C ASP B 76 -1.95 -0.12 -8.32
N LEU B 77 -2.09 -1.33 -8.88
CA LEU B 77 -1.59 -2.55 -8.26
C LEU B 77 -0.79 -3.39 -9.24
N VAL B 78 0.14 -4.18 -8.68
CA VAL B 78 0.94 -5.13 -9.46
C VAL B 78 1.30 -6.29 -8.55
N SER B 79 1.35 -7.47 -9.14
CA SER B 79 1.83 -8.67 -8.47
C SER B 79 2.97 -9.30 -9.26
N TYR B 80 3.86 -9.97 -8.52
CA TYR B 80 5.06 -10.62 -9.04
C TYR B 80 4.99 -12.11 -8.73
N CYS B 81 5.42 -12.92 -9.70
CA CYS B 81 5.57 -14.37 -9.57
C CYS B 81 4.29 -15.16 -9.75
N GLY B 82 3.13 -14.52 -9.61
CA GLY B 82 1.87 -15.21 -9.71
C GLY B 82 0.75 -14.21 -9.59
N PRO B 83 -0.49 -14.70 -9.67
CA PRO B 83 -1.66 -13.81 -9.59
C PRO B 83 -1.84 -13.25 -8.19
N TRP B 84 -2.61 -12.15 -8.14
CA TRP B 84 -2.93 -11.47 -6.90
C TRP B 84 -3.59 -12.45 -5.92
N LYS B 85 -3.05 -12.55 -4.70
CA LYS B 85 -3.48 -13.50 -3.70
C LYS B 85 -4.28 -12.91 -2.55
N LEU B 86 -4.26 -11.58 -2.37
CA LEU B 86 -4.87 -10.96 -1.21
C LEU B 86 -6.36 -10.78 -1.47
N ASP B 87 -7.17 -11.56 -0.75
CA ASP B 87 -8.60 -11.64 -1.00
C ASP B 87 -9.45 -11.01 0.09
N ALA B 88 -8.90 -10.69 1.26
CA ALA B 88 -9.72 -10.19 2.35
C ALA B 88 -10.24 -8.80 2.02
N ALA B 89 -11.45 -8.51 2.49
CA ALA B 89 -12.11 -7.25 2.22
C ALA B 89 -12.42 -6.53 3.52
N TRP B 90 -12.27 -5.21 3.52
CA TRP B 90 -12.78 -4.42 4.63
C TRP B 90 -14.26 -4.70 4.79
N ASP B 91 -14.70 -4.90 6.03
CA ASP B 91 -16.10 -5.23 6.27
C ASP B 91 -17.03 -4.02 6.22
N GLY B 92 -16.50 -2.84 5.92
CA GLY B 92 -17.31 -1.66 5.80
C GLY B 92 -17.78 -1.07 7.10
N LEU B 93 -17.23 -1.52 8.23
CA LEU B 93 -17.70 -1.16 9.55
C LEU B 93 -16.58 -0.98 10.57
N SER B 94 -15.63 -1.91 10.59
CA SER B 94 -14.70 -2.04 11.70
C SER B 94 -13.45 -1.17 11.53
N GLU B 95 -12.80 -0.89 12.66
CA GLU B 95 -11.48 -0.28 12.63
C GLU B 95 -10.48 -1.23 11.97
N VAL B 96 -9.43 -0.63 11.41
CA VAL B 96 -8.40 -1.35 10.68
C VAL B 96 -7.05 -0.89 11.24
N GLN B 97 -5.97 -1.58 10.83
CA GLN B 97 -4.63 -1.12 11.16
C GLN B 97 -3.79 -0.96 9.90
N LEU B 98 -3.14 0.18 9.78
CA LEU B 98 -2.04 0.33 8.83
C LEU B 98 -0.78 -0.20 9.47
N LEU B 99 -0.14 -1.17 8.82
CA LEU B 99 1.19 -1.64 9.23
C LEU B 99 2.16 -0.82 8.40
N ALA B 100 2.43 0.39 8.89
CA ALA B 100 3.29 1.31 8.16
C ALA B 100 4.74 0.90 8.24
N VAL B 101 5.43 0.92 7.10
CA VAL B 101 6.86 0.63 7.05
C VAL B 101 7.53 1.85 6.42
N PRO B 102 7.73 2.93 7.19
CA PRO B 102 8.25 4.15 6.61
C PRO B 102 9.75 4.01 6.35
N PRO B 103 10.27 4.78 5.40
CA PRO B 103 11.73 4.76 5.18
C PRO B 103 12.47 5.02 6.48
N GLY B 104 13.46 4.17 6.75
CA GLY B 104 14.32 4.36 7.89
C GLY B 104 13.70 4.13 9.25
N GLU B 105 12.50 3.55 9.32
N GLU B 105 12.50 3.56 9.32
CA GLU B 105 11.82 3.26 10.57
CA GLU B 105 11.82 3.27 10.58
C GLU B 105 11.27 1.84 10.55
C GLU B 105 11.29 1.84 10.55
N ARG B 106 11.25 1.20 11.71
CA ARG B 106 10.71 -0.16 11.77
C ARG B 106 9.19 -0.13 11.62
N ALA B 107 8.64 -1.26 11.24
CA ALA B 107 7.20 -1.37 11.04
C ALA B 107 6.45 -0.98 12.30
N LYS B 108 5.36 -0.25 12.13
CA LYS B 108 4.52 0.14 13.24
C LYS B 108 3.05 0.03 12.86
N ASN B 109 2.21 -0.34 13.82
CA ASN B 109 0.79 -0.49 13.59
C ASN B 109 0.05 0.74 14.07
N ILE B 110 -0.84 1.26 13.23
N ILE B 110 -0.81 1.29 13.22
CA ILE B 110 -1.65 2.44 13.53
CA ILE B 110 -1.66 2.43 13.56
C ILE B 110 -3.10 2.05 13.29
C ILE B 110 -3.09 2.03 13.30
N GLN B 111 -3.94 2.13 14.33
CA GLN B 111 -5.34 1.77 14.22
C GLN B 111 -6.17 3.01 13.88
N THR B 112 -7.19 2.82 13.04
CA THR B 112 -8.03 3.94 12.62
C THR B 112 -9.38 3.40 12.19
N LEU B 113 -10.41 4.26 12.26
CA LEU B 113 -11.70 3.96 11.64
C LEU B 113 -11.71 4.59 10.26
N PRO B 114 -11.76 3.81 9.18
CA PRO B 114 -11.74 4.42 7.84
C PRO B 114 -12.91 5.36 7.62
N GLY B 115 -12.65 6.38 6.83
CA GLY B 115 -13.66 7.10 6.10
C GLY B 115 -13.97 6.40 4.78
N ILE B 116 -14.54 7.17 3.86
CA ILE B 116 -15.10 6.62 2.63
C ILE B 116 -14.77 7.56 1.47
N PHE B 117 -14.23 7.00 0.40
CA PHE B 117 -14.23 7.62 -0.92
C PHE B 117 -15.53 7.19 -1.60
N LYS B 118 -16.41 8.15 -1.86
CA LYS B 118 -17.64 7.89 -2.60
C LYS B 118 -17.36 8.15 -4.07
N THR B 119 -17.47 7.12 -4.89
CA THR B 119 -17.23 7.26 -6.32
C THR B 119 -18.49 6.85 -7.08
N LYS B 120 -18.55 7.21 -8.36
CA LYS B 120 -19.69 6.86 -9.19
C LYS B 120 -19.91 5.36 -9.24
N ASP B 121 -18.87 4.58 -8.98
CA ASP B 121 -18.92 3.12 -9.08
C ASP B 121 -18.99 2.44 -7.73
N GLY B 122 -19.13 3.19 -6.66
CA GLY B 122 -19.30 2.63 -5.33
C GLY B 122 -18.36 3.26 -4.32
N ASP B 123 -18.49 2.81 -3.09
CA ASP B 123 -17.71 3.34 -1.99
C ASP B 123 -16.45 2.51 -1.80
N ILE B 124 -15.37 3.18 -1.39
CA ILE B 124 -14.10 2.54 -1.06
C ILE B 124 -13.67 3.06 0.31
N GLY B 125 -13.33 2.16 1.23
CA GLY B 125 -12.77 2.61 2.48
C GLY B 125 -11.50 3.41 2.25
N ALA B 126 -11.23 4.36 3.16
CA ALA B 126 -10.11 5.27 3.00
C ALA B 126 -9.59 5.65 4.38
N VAL B 127 -8.28 5.75 4.54
CA VAL B 127 -7.66 6.02 5.83
C VAL B 127 -6.96 7.38 5.80
N ALA B 128 -7.24 8.18 6.82
CA ALA B 128 -6.70 9.53 6.95
C ALA B 128 -5.42 9.44 7.80
N LEU B 129 -4.39 8.86 7.19
CA LEU B 129 -3.09 8.65 7.82
C LEU B 129 -2.04 9.09 6.81
N ASP B 130 -1.05 9.84 7.28
CA ASP B 130 -0.09 10.52 6.42
C ASP B 130 1.33 10.08 6.73
N TYR B 131 2.00 9.51 5.74
CA TYR B 131 3.35 8.98 5.86
C TYR B 131 4.15 9.34 4.62
N PRO B 132 5.48 9.23 4.68
CA PRO B 132 6.29 9.54 3.50
C PRO B 132 5.90 8.67 2.30
N ALA B 133 6.21 9.20 1.11
CA ALA B 133 5.84 8.52 -0.12
C ALA B 133 6.39 7.09 -0.19
N GLY B 134 7.58 6.85 0.37
CA GLY B 134 8.13 5.52 0.33
C GLY B 134 7.46 4.51 1.22
N THR B 135 6.41 4.93 1.95
CA THR B 135 5.56 4.03 2.70
C THR B 135 4.51 3.36 1.82
N SER B 136 4.38 3.83 0.56
CA SER B 136 3.43 3.26 -0.38
C SER B 136 3.59 1.75 -0.47
N GLY B 137 2.46 1.05 -0.45
CA GLY B 137 2.45 -0.39 -0.48
C GLY B 137 2.35 -1.05 0.88
N SER B 138 2.41 -0.28 1.95
CA SER B 138 2.27 -0.85 3.28
C SER B 138 0.88 -1.46 3.42
N PRO B 139 0.77 -2.61 4.08
CA PRO B 139 -0.53 -3.28 4.17
C PRO B 139 -1.43 -2.70 5.23
N ILE B 140 -2.73 -2.75 4.95
CA ILE B 140 -3.79 -2.41 5.87
C ILE B 140 -4.46 -3.71 6.26
N LEU B 141 -4.70 -3.89 7.56
CA LEU B 141 -5.06 -5.18 8.14
C LEU B 141 -6.42 -5.13 8.84
N ASP B 142 -7.13 -6.26 8.79
CA ASP B 142 -8.29 -6.47 9.65
C ASP B 142 -7.81 -7.10 10.97
N LYS B 143 -8.75 -7.32 11.89
CA LYS B 143 -8.38 -7.77 13.23
C LYS B 143 -7.82 -9.19 13.26
N CYS B 144 -8.03 -9.96 12.20
CA CYS B 144 -7.41 -11.27 12.06
C CYS B 144 -6.04 -11.20 11.43
N GLY B 145 -5.55 -10.00 11.13
CA GLY B 145 -4.25 -9.84 10.50
C GLY B 145 -4.25 -10.08 9.01
N ARG B 146 -5.41 -10.25 8.39
CA ARG B 146 -5.45 -10.41 6.94
C ARG B 146 -5.28 -9.05 6.28
N VAL B 147 -4.66 -9.06 5.11
CA VAL B 147 -4.41 -7.82 4.39
C VAL B 147 -5.66 -7.47 3.57
N ILE B 148 -6.33 -6.39 3.96
CA ILE B 148 -7.54 -5.94 3.29
C ILE B 148 -7.24 -4.89 2.21
N GLY B 149 -5.99 -4.47 2.07
CA GLY B 149 -5.60 -3.59 0.99
C GLY B 149 -4.24 -3.01 1.26
N LEU B 150 -3.76 -2.20 0.30
CA LEU B 150 -2.48 -1.52 0.40
C LEU B 150 -2.69 -0.01 0.47
N TYR B 151 -1.81 0.64 1.23
CA TYR B 151 -1.82 2.07 1.45
C TYR B 151 -1.01 2.80 0.41
N GLY B 152 -1.52 3.94 -0.06
CA GLY B 152 -0.69 4.84 -0.82
C GLY B 152 -1.24 5.40 -2.12
N ASN B 153 -2.50 5.18 -2.44
CA ASN B 153 -3.11 5.86 -3.57
C ASN B 153 -4.34 6.60 -3.06
N GLY B 154 -4.34 7.93 -3.19
CA GLY B 154 -5.39 8.71 -2.55
C GLY B 154 -5.43 10.14 -3.03
N VAL B 155 -5.79 11.04 -2.12
CA VAL B 155 -5.99 12.44 -2.41
C VAL B 155 -5.39 13.29 -1.29
N VAL B 156 -5.14 14.56 -1.62
CA VAL B 156 -4.73 15.57 -0.66
C VAL B 156 -5.89 16.54 -0.48
N ILE B 157 -6.38 16.67 0.76
CA ILE B 157 -7.54 17.50 1.05
C ILE B 157 -7.09 18.93 1.29
N LYS B 158 -8.04 19.82 1.59
CA LYS B 158 -7.79 21.26 1.47
C LYS B 158 -6.63 21.71 2.35
N ASN B 159 -6.51 21.15 3.56
CA ASN B 159 -5.48 21.60 4.50
C ASN B 159 -4.12 20.97 4.22
N GLY B 160 -3.98 20.19 3.16
CA GLY B 160 -2.71 19.57 2.84
C GLY B 160 -2.51 18.18 3.40
N SER B 161 -3.43 17.69 4.21
CA SER B 161 -3.30 16.34 4.75
C SER B 161 -3.79 15.32 3.73
N TYR B 162 -3.53 14.05 4.03
CA TYR B 162 -3.63 12.97 3.07
C TYR B 162 -4.71 11.99 3.49
N VAL B 163 -5.38 11.42 2.49
CA VAL B 163 -6.31 10.32 2.70
C VAL B 163 -6.03 9.27 1.62
N SER B 164 -5.74 8.04 2.04
CA SER B 164 -5.43 6.94 1.15
C SER B 164 -6.64 6.01 0.99
N ALA B 165 -6.94 5.59 -0.23
CA ALA B 165 -7.85 4.47 -0.39
C ALA B 165 -7.27 3.23 0.30
N ILE B 166 -8.14 2.34 0.72
CA ILE B 166 -7.76 0.96 1.06
C ILE B 166 -7.86 0.21 -0.27
N THR B 167 -6.73 0.09 -0.98
CA THR B 167 -6.76 -0.46 -2.33
C THR B 167 -6.56 -1.97 -2.28
N GLN B 168 -7.54 -2.73 -2.76
CA GLN B 168 -7.48 -4.19 -2.80
C GLN B 168 -7.71 -4.67 -4.22
N GLY B 169 -6.99 -5.72 -4.61
CA GLY B 169 -7.20 -6.36 -5.89
C GLY B 169 -8.26 -7.43 -5.83
N LYS B 170 -8.33 -8.24 -6.88
CA LYS B 170 -9.23 -9.37 -6.93
C LYS B 170 -8.39 -10.64 -7.06
N ARG B 171 -8.71 -11.64 -6.25
CA ARG B 171 -8.00 -12.92 -6.33
C ARG B 171 -8.68 -13.80 -7.36
N1 V7T C 1 0.79 15.03 0.46
N2 V7T C 1 0.27 15.13 2.75
CA V7T C 1 1.70 12.35 0.84
CD V7T C 1 1.84 8.46 0.36
CE V7T C 1 2.25 7.60 -0.83
NZ V7T C 1 1.39 7.81 -2.00
CG V7T C 1 2.02 9.93 0.08
CB V7T C 1 1.60 10.88 1.22
C2 V7T C 1 0.73 14.46 1.66
N V7T C 1 1.12 13.19 1.86
C V7T C 1 3.15 12.71 0.55
O V7T C 1 3.63 12.55 -0.56
N GLY C 2 3.88 13.17 1.56
CA GLY C 2 5.29 13.47 1.37
C GLY C 2 5.55 14.58 0.38
O V8N C 3 0.23 13.36 -2.05
C V8N C 3 0.46 13.45 -3.25
C20 V8N C 3 1.55 14.34 -3.81
C21 V8N C 3 1.88 15.53 -2.94
C22 V8N C 3 3.05 15.56 -2.20
C23 V8N C 3 3.40 16.66 -1.42
C24 V8N C 3 4.67 16.64 -0.62
C31 V8N C 3 2.55 17.75 -1.40
C32 V8N C 3 1.38 17.73 -2.13
C33 V8N C 3 1.05 16.64 -2.90
N V8N C 3 4.64 15.54 0.35
N LYS C 4 -0.20 12.74 -4.17
CA LYS C 4 -1.33 11.87 -3.88
C LYS C 4 -0.97 10.39 -3.81
C 4J5 C 5 1.77 8.51 -3.08
N 4J5 C 5 0.26 10.05 -4.21
O 4J5 C 5 2.90 9.02 -3.17
CA 4J5 C 5 0.73 8.69 -4.18
CB 4J5 C 5 1.21 8.25 -5.57
ND 4J5 C 5 0.54 7.61 -7.86
CE 4J5 C 5 -0.30 6.98 -8.82
CG 4J5 C 5 0.07 7.96 -6.53
NH1 4J5 C 5 -1.50 6.63 -8.54
NH2 4J5 C 5 0.29 6.75 -10.06
S SO4 D . 3.78 8.52 -9.76
O1 SO4 D . 3.57 9.85 -10.29
O2 SO4 D . 5.22 8.26 -9.74
O3 SO4 D . 3.13 7.53 -10.63
O4 SO4 D . 3.21 8.46 -8.42
#